data_4RFW
#
_entry.id   4RFW
#
_cell.length_a   66.390
_cell.length_b   66.390
_cell.length_c   111.810
_cell.angle_alpha   90.00
_cell.angle_beta   90.00
_cell.angle_gamma   90.00
#
_symmetry.space_group_name_H-M   'P 43 21 2'
#
loop_
_entity.id
_entity.type
_entity.pdbx_description
1 polymer 'Retinoic acid receptor RXR-alpha'
2 polymer 'Nuclear receptor coactivator 2'
3 non-polymer '(2E,4E,6Z,8E)-3,7-dimethyl-8-(6,7,8,9-tetrahydro-5H-benzo[7]annulen-5-ylidene)octa-2,4,6-trienoic acid'
4 water water
#
loop_
_entity_poly.entity_id
_entity_poly.type
_entity_poly.pdbx_seq_one_letter_code
_entity_poly.pdbx_strand_id
1 'polypeptide(L)'
;EDMPVERILEAELAVEPKTETYVEANMGLNPSSPNDPVTNICQAADKQLFTLVEWAKRIPHFSELPLDDQVILLRAGWNE
LLIASFSHRSIAVKDGILLATGLHVHRNSAHSAGVGAIFDRVLTELVSKMRDMQMDKTELGCLRAIVLFNPDSKGLSNPA
EVEALREKVYASLEAYCKHKYPEQPGRFAKLLLRLPALRSIGLKCLEHLFFFKLIGDTPIDTFLMEMLEAP
;
A
2 'polypeptide(L)' KHKILHRLLQDSS G
#
# COMPACT_ATOMS: atom_id res chain seq x y z
N GLU A 1 -19.23 8.55 -8.49
CA GLU A 1 -19.92 8.00 -9.69
C GLU A 1 -18.93 7.44 -10.70
N ASP A 2 -19.26 6.31 -11.30
CA ASP A 2 -18.41 5.66 -12.28
C ASP A 2 -17.12 5.17 -11.61
N MET A 3 -17.26 4.56 -10.44
CA MET A 3 -16.13 4.04 -9.67
C MET A 3 -16.64 2.81 -8.91
N PRO A 4 -17.01 1.73 -9.63
CA PRO A 4 -17.53 0.50 -9.03
C PRO A 4 -16.52 -0.30 -8.21
N VAL A 5 -16.99 -0.85 -7.09
CA VAL A 5 -16.14 -1.63 -6.20
C VAL A 5 -15.72 -2.94 -6.82
N GLU A 6 -16.41 -3.35 -7.88
CA GLU A 6 -16.08 -4.59 -8.57
C GLU A 6 -14.77 -4.44 -9.33
N ARG A 7 -14.59 -3.29 -9.99
CA ARG A 7 -13.37 -3.02 -10.75
C ARG A 7 -12.19 -2.99 -9.78
N ILE A 8 -12.44 -2.43 -8.60
CA ILE A 8 -11.41 -2.34 -7.57
C ILE A 8 -11.01 -3.71 -7.04
N LEU A 9 -12.01 -4.53 -6.73
CA LEU A 9 -11.75 -5.88 -6.23
C LEU A 9 -10.94 -6.68 -7.26
N GLU A 10 -11.32 -6.56 -8.52
CA GLU A 10 -10.63 -7.29 -9.60
C GLU A 10 -9.16 -6.92 -9.67
N ALA A 11 -8.89 -5.63 -9.45
CA ALA A 11 -7.53 -5.12 -9.45
C ALA A 11 -6.72 -5.83 -8.36
N GLU A 12 -7.34 -6.03 -7.20
CA GLU A 12 -6.69 -6.71 -6.09
C GLU A 12 -6.47 -8.19 -6.38
N LEU A 13 -7.42 -8.83 -7.04
CA LEU A 13 -7.29 -10.26 -7.36
C LEU A 13 -6.37 -10.50 -8.53
N ALA A 14 -6.30 -9.54 -9.45
CA ALA A 14 -5.45 -9.67 -10.62
C ALA A 14 -3.96 -9.67 -10.30
N VAL A 15 -3.53 -8.78 -9.41
CA VAL A 15 -2.12 -8.67 -9.07
C VAL A 15 -1.56 -9.70 -8.10
N GLU A 16 -2.39 -10.11 -7.15
CA GLU A 16 -1.96 -11.10 -6.16
C GLU A 16 -2.84 -12.33 -6.17
N PRO A 17 -2.23 -13.52 -6.33
CA PRO A 17 -2.94 -14.80 -6.35
C PRO A 17 -3.48 -15.21 -4.97
N ASN A 35 19.42 -14.35 3.87
CA ASN A 35 18.82 -14.80 5.13
C ASN A 35 18.33 -13.67 6.01
N ASP A 36 19.05 -12.54 5.99
CA ASP A 36 18.69 -11.38 6.80
C ASP A 36 17.23 -11.03 6.51
N PRO A 37 16.36 -11.10 7.55
CA PRO A 37 14.95 -10.77 7.35
C PRO A 37 14.73 -9.41 6.69
N VAL A 38 15.65 -8.47 6.92
CA VAL A 38 15.54 -7.15 6.32
C VAL A 38 15.82 -7.19 4.82
N THR A 39 16.78 -8.01 4.42
CA THR A 39 17.12 -8.14 3.00
C THR A 39 15.98 -8.76 2.22
N ASN A 40 15.39 -9.82 2.76
CA ASN A 40 14.27 -10.50 2.13
C ASN A 40 13.11 -9.55 1.97
N ILE A 41 12.95 -8.66 2.93
CA ILE A 41 11.89 -7.67 2.88
C ILE A 41 12.15 -6.63 1.79
N CYS A 42 13.40 -6.17 1.66
CA CYS A 42 13.72 -5.20 0.63
C CYS A 42 13.57 -5.78 -0.75
N GLN A 43 13.87 -7.07 -0.88
CA GLN A 43 13.76 -7.70 -2.17
C GLN A 43 12.28 -7.86 -2.53
N ALA A 44 11.47 -8.20 -1.54
CA ALA A 44 10.04 -8.38 -1.78
C ALA A 44 9.40 -7.04 -2.11
N ALA A 45 9.95 -5.96 -1.56
CA ALA A 45 9.44 -4.61 -1.82
C ALA A 45 9.71 -4.22 -3.26
N ASP A 46 10.92 -4.50 -3.75
CA ASP A 46 11.29 -4.17 -5.13
C ASP A 46 10.37 -4.97 -6.06
N LYS A 47 10.19 -6.24 -5.76
CA LYS A 47 9.33 -7.12 -6.54
C LYS A 47 7.93 -6.54 -6.66
N GLN A 48 7.33 -6.19 -5.54
CA GLN A 48 5.97 -5.65 -5.55
C GLN A 48 5.82 -4.27 -6.20
N LEU A 49 6.89 -3.50 -6.28
CA LEU A 49 6.79 -2.20 -6.93
C LEU A 49 6.33 -2.35 -8.39
N PHE A 50 6.77 -3.39 -9.09
CA PHE A 50 6.32 -3.57 -10.49
C PHE A 50 4.82 -3.89 -10.53
N THR A 51 4.40 -4.81 -9.66
CA THR A 51 3.00 -5.20 -9.56
C THR A 51 2.12 -4.04 -9.13
N LEU A 52 2.66 -3.12 -8.34
CA LEU A 52 1.89 -1.97 -7.89
C LEU A 52 1.42 -1.10 -9.07
N VAL A 53 2.28 -0.92 -10.07
CA VAL A 53 1.95 -0.11 -11.24
C VAL A 53 0.80 -0.75 -12.03
N GLU A 54 0.91 -2.04 -12.29
CA GLU A 54 -0.13 -2.77 -13.02
C GLU A 54 -1.44 -2.64 -12.23
N TRP A 55 -1.33 -2.78 -10.92
CA TRP A 55 -2.49 -2.66 -10.06
C TRP A 55 -3.17 -1.31 -10.27
N ALA A 56 -2.40 -0.24 -10.15
CA ALA A 56 -2.91 1.12 -10.30
C ALA A 56 -3.61 1.32 -11.64
N LYS A 57 -2.98 0.83 -12.69
CA LYS A 57 -3.56 0.91 -14.03
C LYS A 57 -4.95 0.29 -14.06
N ARG A 58 -5.17 -0.74 -13.23
CA ARG A 58 -6.46 -1.43 -13.14
C ARG A 58 -7.47 -0.64 -12.32
N ILE A 59 -7.02 0.43 -11.68
CA ILE A 59 -7.92 1.25 -10.88
C ILE A 59 -8.60 2.26 -11.81
N PRO A 60 -9.93 2.29 -11.79
CA PRO A 60 -10.74 3.18 -12.64
C PRO A 60 -10.27 4.64 -12.71
N HIS A 61 -10.16 5.13 -13.94
CA HIS A 61 -9.77 6.50 -14.24
C HIS A 61 -8.34 6.89 -13.87
N PHE A 62 -7.62 5.99 -13.22
CA PHE A 62 -6.25 6.28 -12.83
C PHE A 62 -5.37 6.56 -14.05
N SER A 63 -5.50 5.76 -15.12
CA SER A 63 -4.72 5.95 -16.33
C SER A 63 -5.12 7.15 -17.19
N GLU A 64 -6.26 7.76 -16.90
CA GLU A 64 -6.72 8.91 -17.65
C GLU A 64 -6.02 10.18 -17.16
N LEU A 65 -5.27 10.06 -16.07
CA LEU A 65 -4.54 11.21 -15.54
C LEU A 65 -3.24 11.37 -16.32
N PRO A 66 -2.73 12.59 -16.40
CA PRO A 66 -1.47 12.78 -17.15
C PRO A 66 -0.32 11.99 -16.53
N LEU A 67 0.51 11.39 -17.38
CA LEU A 67 1.62 10.57 -16.91
C LEU A 67 2.34 11.15 -15.68
N ASP A 68 2.68 12.43 -15.74
CA ASP A 68 3.40 13.07 -14.65
C ASP A 68 2.66 12.97 -13.33
N ASP A 69 1.34 13.11 -13.37
CA ASP A 69 0.53 13.01 -12.15
C ASP A 69 0.46 11.55 -11.66
N GLN A 70 0.54 10.60 -12.59
CA GLN A 70 0.51 9.18 -12.22
C GLN A 70 1.80 8.86 -11.46
N VAL A 71 2.89 9.52 -11.87
CA VAL A 71 4.20 9.31 -11.26
C VAL A 71 4.15 9.82 -9.81
N ILE A 72 3.68 11.05 -9.64
CA ILE A 72 3.57 11.70 -8.34
C ILE A 72 2.71 10.88 -7.36
N LEU A 73 1.56 10.41 -7.81
CA LEU A 73 0.70 9.63 -6.94
C LEU A 73 1.34 8.33 -6.46
N LEU A 74 1.99 7.59 -7.37
CA LEU A 74 2.61 6.31 -7.01
C LEU A 74 3.83 6.49 -6.13
N ARG A 75 4.66 7.47 -6.45
CA ARG A 75 5.85 7.75 -5.66
C ARG A 75 5.48 8.26 -4.26
N ALA A 76 4.29 8.85 -4.16
CA ALA A 76 3.78 9.39 -2.90
C ALA A 76 3.20 8.31 -1.97
N GLY A 77 2.52 7.31 -2.53
CA GLY A 77 1.92 6.28 -1.70
C GLY A 77 2.39 4.83 -1.83
N TRP A 78 3.40 4.58 -2.66
CA TRP A 78 3.89 3.23 -2.84
C TRP A 78 4.18 2.50 -1.52
N ASN A 79 4.72 3.23 -0.55
CA ASN A 79 5.06 2.63 0.73
C ASN A 79 3.82 2.23 1.54
N GLU A 80 2.82 3.12 1.61
CA GLU A 80 1.60 2.77 2.33
C GLU A 80 0.78 1.72 1.58
N LEU A 81 0.78 1.78 0.26
CA LEU A 81 0.02 0.82 -0.54
C LEU A 81 0.54 -0.62 -0.38
N LEU A 82 1.85 -0.76 -0.24
CA LEU A 82 2.48 -2.07 -0.08
C LEU A 82 2.41 -2.59 1.36
N ILE A 83 2.54 -1.71 2.33
CA ILE A 83 2.48 -2.13 3.74
C ILE A 83 1.07 -2.66 4.05
N ALA A 84 0.05 -1.99 3.52
CA ALA A 84 -1.33 -2.40 3.73
C ALA A 84 -1.59 -3.76 3.12
N SER A 85 -1.06 -3.99 1.93
CA SER A 85 -1.23 -5.25 1.23
C SER A 85 -0.59 -6.45 1.93
N PHE A 86 0.67 -6.36 2.33
CA PHE A 86 1.27 -7.53 2.98
C PHE A 86 0.72 -7.75 4.38
N SER A 87 0.12 -6.72 4.96
CA SER A 87 -0.44 -6.85 6.29
C SER A 87 -1.72 -7.68 6.17
N HIS A 88 -2.59 -7.29 5.25
CA HIS A 88 -3.85 -7.98 5.03
C HIS A 88 -3.59 -9.44 4.66
N ARG A 89 -2.55 -9.65 3.87
CA ARG A 89 -2.16 -10.98 3.44
C ARG A 89 -1.66 -11.80 4.63
N SER A 90 -1.18 -11.10 5.66
CA SER A 90 -0.61 -11.72 6.84
C SER A 90 -1.62 -11.99 7.96
N ILE A 91 -2.89 -11.64 7.70
CA ILE A 91 -3.95 -11.85 8.68
C ILE A 91 -3.99 -13.29 9.21
N ALA A 92 -3.70 -14.27 8.35
CA ALA A 92 -3.70 -15.67 8.76
C ALA A 92 -2.42 -16.08 9.50
N VAL A 93 -1.35 -15.30 9.37
CA VAL A 93 -0.09 -15.62 10.01
C VAL A 93 -0.17 -15.54 11.53
N LYS A 94 0.57 -16.41 12.21
CA LYS A 94 0.63 -16.44 13.67
C LYS A 94 1.19 -15.12 14.21
N ASP A 95 2.52 -15.05 14.36
CA ASP A 95 3.15 -13.82 14.85
C ASP A 95 4.22 -13.38 13.86
N GLY A 96 3.76 -12.81 12.75
CA GLY A 96 4.67 -12.35 11.73
C GLY A 96 3.91 -11.96 10.48
N ILE A 97 4.64 -11.76 9.38
CA ILE A 97 4.02 -11.39 8.11
C ILE A 97 4.40 -12.34 6.99
N LEU A 98 3.62 -12.29 5.93
CA LEU A 98 3.87 -13.14 4.76
C LEU A 98 4.36 -12.27 3.59
N LEU A 99 5.54 -12.56 3.07
CA LEU A 99 6.08 -11.76 1.96
C LEU A 99 5.60 -12.25 0.60
N ALA A 100 5.52 -11.33 -0.36
CA ALA A 100 5.07 -11.72 -1.71
C ALA A 100 5.95 -12.85 -2.24
N THR A 101 7.24 -12.84 -1.87
CA THR A 101 8.18 -13.87 -2.30
C THR A 101 7.79 -15.25 -1.79
N GLY A 102 6.89 -15.29 -0.81
CA GLY A 102 6.46 -16.56 -0.25
C GLY A 102 7.18 -16.93 1.05
N LEU A 103 7.95 -15.99 1.60
CA LEU A 103 8.68 -16.22 2.85
C LEU A 103 7.95 -15.61 4.07
N HIS A 104 8.11 -16.24 5.22
CA HIS A 104 7.48 -15.75 6.42
C HIS A 104 8.53 -15.06 7.27
N VAL A 105 8.14 -13.96 7.89
CA VAL A 105 9.03 -13.24 8.78
C VAL A 105 8.36 -13.20 10.14
N HIS A 106 8.87 -14.02 11.05
CA HIS A 106 8.33 -14.10 12.41
C HIS A 106 8.80 -12.90 13.24
N ARG A 107 7.97 -12.51 14.20
CA ARG A 107 8.26 -11.40 15.11
C ARG A 107 9.63 -11.55 15.81
N ASN A 108 10.00 -12.77 16.18
CA ASN A 108 11.29 -12.98 16.85
C ASN A 108 12.42 -12.70 15.86
N SER A 109 12.24 -13.16 14.64
CA SER A 109 13.23 -12.93 13.61
C SER A 109 13.42 -11.44 13.31
N ALA A 110 12.32 -10.72 13.11
CA ALA A 110 12.42 -9.30 12.85
C ALA A 110 13.09 -8.61 14.05
N HIS A 111 12.76 -9.05 15.26
CA HIS A 111 13.33 -8.49 16.48
C HIS A 111 14.84 -8.65 16.48
N SER A 112 15.33 -9.83 16.07
CA SER A 112 16.74 -10.11 16.06
C SER A 112 17.47 -9.39 14.94
N ALA A 113 16.73 -8.69 14.09
CA ALA A 113 17.36 -7.95 12.99
C ALA A 113 17.48 -6.48 13.35
N GLY A 114 16.86 -6.04 14.45
CA GLY A 114 16.91 -4.64 14.84
C GLY A 114 15.72 -3.80 14.39
N VAL A 115 14.71 -4.44 13.82
CA VAL A 115 13.53 -3.71 13.38
C VAL A 115 12.29 -4.20 14.11
N GLY A 116 12.48 -4.68 15.34
CA GLY A 116 11.38 -5.20 16.13
C GLY A 116 10.31 -4.18 16.52
N ALA A 117 10.73 -2.95 16.80
CA ALA A 117 9.83 -1.88 17.19
C ALA A 117 8.78 -1.62 16.08
N ILE A 118 9.25 -1.39 14.86
CA ILE A 118 8.34 -1.12 13.75
C ILE A 118 7.49 -2.34 13.39
N PHE A 119 8.12 -3.51 13.40
CA PHE A 119 7.45 -4.75 13.10
C PHE A 119 6.27 -4.94 14.05
N ASP A 120 6.49 -4.78 15.35
CA ASP A 120 5.42 -4.89 16.33
C ASP A 120 4.26 -3.93 16.04
N ARG A 121 4.59 -2.70 15.63
CA ARG A 121 3.57 -1.73 15.31
C ARG A 121 2.75 -2.24 14.11
N VAL A 122 3.40 -2.89 13.16
CA VAL A 122 2.71 -3.43 12.02
C VAL A 122 1.72 -4.56 12.44
N LEU A 123 2.15 -5.45 13.32
CA LEU A 123 1.31 -6.56 13.80
C LEU A 123 0.19 -6.05 14.70
N THR A 124 0.51 -5.09 15.56
CA THR A 124 -0.47 -4.54 16.49
C THR A 124 -1.46 -3.55 15.92
N GLU A 125 -0.98 -2.55 15.18
CA GLU A 125 -1.89 -1.54 14.64
C GLU A 125 -2.51 -1.89 13.29
N LEU A 126 -1.89 -2.80 12.53
CA LEU A 126 -2.44 -3.14 11.22
C LEU A 126 -2.93 -4.60 11.08
N VAL A 127 -2.01 -5.55 11.06
CA VAL A 127 -2.37 -6.97 10.92
C VAL A 127 -3.48 -7.43 11.90
N SER A 128 -3.22 -7.31 13.20
CA SER A 128 -4.20 -7.70 14.21
C SER A 128 -5.56 -7.01 14.02
N LYS A 129 -5.54 -5.69 13.84
CA LYS A 129 -6.78 -4.93 13.66
C LYS A 129 -7.52 -5.35 12.39
N MET A 130 -6.79 -5.71 11.35
CA MET A 130 -7.43 -6.14 10.11
C MET A 130 -8.09 -7.52 10.32
N ARG A 131 -7.46 -8.33 11.16
CA ARG A 131 -7.95 -9.66 11.47
C ARG A 131 -9.19 -9.63 12.35
N ASP A 132 -9.20 -8.76 13.36
CA ASP A 132 -10.34 -8.64 14.28
C ASP A 132 -11.66 -8.24 13.59
N MET A 133 -11.59 -7.28 12.68
CA MET A 133 -12.82 -6.83 12.01
C MET A 133 -13.03 -7.61 10.73
N GLN A 134 -12.10 -8.50 10.42
CA GLN A 134 -12.21 -9.30 9.22
C GLN A 134 -12.37 -8.46 7.94
N MET A 135 -11.48 -7.48 7.76
CA MET A 135 -11.49 -6.65 6.57
C MET A 135 -11.41 -7.57 5.33
N ASP A 136 -12.34 -7.40 4.39
CA ASP A 136 -12.33 -8.22 3.18
C ASP A 136 -11.50 -7.55 2.10
N LYS A 137 -11.17 -8.31 1.04
CA LYS A 137 -10.36 -7.77 -0.05
C LYS A 137 -10.96 -6.55 -0.71
N THR A 138 -12.28 -6.54 -0.86
CA THR A 138 -12.96 -5.40 -1.46
C THR A 138 -12.71 -4.13 -0.61
N GLU A 139 -12.67 -4.29 0.71
CA GLU A 139 -12.46 -3.16 1.61
C GLU A 139 -10.99 -2.70 1.56
N LEU A 140 -10.10 -3.67 1.44
CA LEU A 140 -8.68 -3.41 1.34
C LEU A 140 -8.41 -2.59 0.09
N GLY A 141 -8.97 -3.06 -1.02
CA GLY A 141 -8.80 -2.41 -2.30
C GLY A 141 -9.22 -0.95 -2.28
N CYS A 142 -10.43 -0.68 -1.79
CA CYS A 142 -10.94 0.68 -1.73
C CYS A 142 -10.03 1.55 -0.87
N LEU A 143 -9.53 0.99 0.23
CA LEU A 143 -8.65 1.74 1.09
C LEU A 143 -7.35 2.13 0.36
N ARG A 144 -6.76 1.19 -0.37
CA ARG A 144 -5.53 1.48 -1.10
C ARG A 144 -5.82 2.47 -2.22
N ALA A 145 -6.98 2.34 -2.86
CA ALA A 145 -7.37 3.26 -3.90
C ALA A 145 -7.40 4.69 -3.35
N ILE A 146 -7.96 4.86 -2.15
CA ILE A 146 -8.03 6.17 -1.50
C ILE A 146 -6.62 6.71 -1.20
N VAL A 147 -5.74 5.81 -0.81
CA VAL A 147 -4.36 6.19 -0.51
C VAL A 147 -3.71 6.62 -1.82
N LEU A 148 -3.99 5.88 -2.89
CA LEU A 148 -3.44 6.17 -4.20
C LEU A 148 -3.87 7.57 -4.66
N PHE A 149 -5.14 7.88 -4.44
CA PHE A 149 -5.68 9.16 -4.82
C PHE A 149 -5.46 10.20 -3.73
N ASN A 150 -4.18 10.47 -3.46
CA ASN A 150 -3.80 11.45 -2.44
C ASN A 150 -3.75 12.84 -3.07
N PRO A 151 -4.76 13.66 -2.81
CA PRO A 151 -4.80 15.02 -3.39
C PRO A 151 -3.76 15.98 -2.80
N ASP A 152 -3.20 15.61 -1.64
CA ASP A 152 -2.17 16.40 -0.97
C ASP A 152 -0.79 16.26 -1.63
N SER A 153 -0.64 15.28 -2.52
CA SER A 153 0.62 15.06 -3.20
C SER A 153 1.13 16.35 -3.84
N LYS A 154 2.39 16.70 -3.57
CA LYS A 154 2.98 17.93 -4.10
C LYS A 154 3.35 17.79 -5.56
N GLY A 155 2.90 18.74 -6.38
CA GLY A 155 3.22 18.71 -7.79
C GLY A 155 2.06 18.41 -8.73
N LEU A 156 0.97 17.88 -8.18
CA LEU A 156 -0.20 17.55 -8.98
C LEU A 156 -0.64 18.73 -9.85
N SER A 157 -0.87 18.44 -11.13
CA SER A 157 -1.30 19.47 -12.08
C SER A 157 -2.78 19.83 -11.84
N ASN A 158 -3.53 18.92 -11.21
CA ASN A 158 -4.93 19.18 -10.92
C ASN A 158 -5.35 18.43 -9.66
N PRO A 159 -4.94 18.91 -8.50
CA PRO A 159 -5.29 18.25 -7.23
C PRO A 159 -6.81 18.07 -7.04
N ALA A 160 -7.58 19.07 -7.41
CA ALA A 160 -9.04 19.02 -7.28
C ALA A 160 -9.60 17.79 -8.00
N GLU A 161 -9.04 17.50 -9.16
CA GLU A 161 -9.47 16.33 -9.94
C GLU A 161 -9.18 15.06 -9.14
N VAL A 162 -7.93 14.92 -8.65
CA VAL A 162 -7.56 13.75 -7.86
C VAL A 162 -8.45 13.67 -6.63
N GLU A 163 -8.83 14.82 -6.13
CA GLU A 163 -9.68 14.91 -4.96
C GLU A 163 -11.04 14.30 -5.32
N ALA A 164 -11.56 14.65 -6.49
CA ALA A 164 -12.85 14.16 -6.95
C ALA A 164 -12.87 12.63 -6.99
N LEU A 165 -11.80 12.02 -7.48
CA LEU A 165 -11.73 10.57 -7.55
C LEU A 165 -11.69 9.91 -6.16
N ARG A 166 -10.97 10.54 -5.24
CA ARG A 166 -10.88 10.01 -3.87
C ARG A 166 -12.28 9.90 -3.26
N GLU A 167 -13.09 10.94 -3.43
CA GLU A 167 -14.44 10.98 -2.88
C GLU A 167 -15.34 9.92 -3.52
N LYS A 168 -15.13 9.64 -4.80
CA LYS A 168 -15.93 8.63 -5.46
C LYS A 168 -15.60 7.25 -4.93
N VAL A 169 -14.35 7.06 -4.51
CA VAL A 169 -13.93 5.76 -4.02
C VAL A 169 -14.54 5.42 -2.67
N TYR A 170 -14.47 6.34 -1.73
CA TYR A 170 -15.03 6.05 -0.43
C TYR A 170 -16.55 6.18 -0.44
N ALA A 171 -17.10 6.71 -1.52
CA ALA A 171 -18.54 6.82 -1.66
C ALA A 171 -19.06 5.41 -1.97
N SER A 172 -18.31 4.69 -2.79
CA SER A 172 -18.66 3.32 -3.16
C SER A 172 -18.37 2.38 -1.99
N LEU A 173 -17.28 2.64 -1.28
CA LEU A 173 -16.90 1.79 -0.16
C LEU A 173 -17.96 1.80 0.93
N GLU A 174 -18.43 2.99 1.31
CA GLU A 174 -19.46 3.12 2.34
C GLU A 174 -20.73 2.38 1.92
N ALA A 175 -21.12 2.55 0.66
CA ALA A 175 -22.30 1.89 0.11
C ALA A 175 -22.09 0.38 0.21
N TYR A 176 -20.88 -0.06 -0.12
CA TYR A 176 -20.55 -1.46 -0.07
C TYR A 176 -20.74 -2.00 1.34
N CYS A 177 -20.16 -1.29 2.31
CA CYS A 177 -20.22 -1.68 3.73
C CYS A 177 -21.63 -1.69 4.30
N LYS A 178 -22.34 -0.59 4.08
CA LYS A 178 -23.70 -0.46 4.58
C LYS A 178 -24.66 -1.31 3.77
N HIS A 179 -24.11 -2.30 3.09
CA HIS A 179 -24.92 -3.19 2.28
C HIS A 179 -24.45 -4.61 2.54
N LYS A 180 -23.17 -4.75 2.82
CA LYS A 180 -22.59 -6.07 3.10
C LYS A 180 -22.63 -6.36 4.60
N TYR A 181 -22.43 -5.33 5.42
CA TYR A 181 -22.45 -5.48 6.87
C TYR A 181 -23.42 -4.45 7.45
N PRO A 182 -24.73 -4.64 7.22
CA PRO A 182 -25.74 -3.73 7.73
C PRO A 182 -25.71 -3.61 9.25
N GLU A 183 -25.41 -4.72 9.93
CA GLU A 183 -25.37 -4.77 11.39
C GLU A 183 -24.24 -3.93 12.01
N GLN A 184 -23.25 -3.56 11.20
CA GLN A 184 -22.12 -2.75 11.68
C GLN A 184 -22.12 -1.36 11.02
N PRO A 185 -22.90 -0.42 11.56
CA PRO A 185 -23.00 0.95 11.04
C PRO A 185 -21.71 1.76 11.17
N GLY A 186 -20.80 1.28 12.02
CA GLY A 186 -19.56 2.00 12.21
C GLY A 186 -18.39 1.36 11.48
N ARG A 187 -18.66 0.40 10.60
CA ARG A 187 -17.60 -0.28 9.89
C ARG A 187 -16.83 0.63 8.94
N PHE A 188 -17.56 1.46 8.19
CA PHE A 188 -16.98 2.40 7.25
C PHE A 188 -15.92 3.30 7.91
N ALA A 189 -16.33 3.99 8.98
CA ALA A 189 -15.44 4.89 9.74
C ALA A 189 -14.24 4.11 10.31
N LYS A 190 -14.49 2.91 10.82
CA LYS A 190 -13.46 2.06 11.40
C LYS A 190 -12.40 1.70 10.34
N LEU A 191 -12.81 1.60 9.08
CA LEU A 191 -11.87 1.30 8.01
C LEU A 191 -10.98 2.52 7.76
N LEU A 192 -11.59 3.69 7.61
CA LEU A 192 -10.85 4.91 7.37
C LEU A 192 -9.95 5.25 8.58
N LEU A 193 -10.30 4.74 9.76
CA LEU A 193 -9.51 5.03 10.95
C LEU A 193 -8.22 4.24 11.13
N ARG A 194 -7.80 3.57 10.07
CA ARG A 194 -6.53 2.84 10.08
C ARG A 194 -5.57 3.62 9.19
N LEU A 195 -6.09 4.60 8.43
CA LEU A 195 -5.21 5.37 7.53
C LEU A 195 -4.19 6.18 8.30
N PRO A 196 -4.59 6.80 9.42
CA PRO A 196 -3.64 7.58 10.21
C PRO A 196 -2.47 6.70 10.64
N ALA A 197 -2.77 5.47 11.07
CA ALA A 197 -1.75 4.51 11.51
C ALA A 197 -0.90 4.07 10.32
N LEU A 198 -1.55 3.84 9.19
CA LEU A 198 -0.83 3.45 8.00
C LEU A 198 0.12 4.58 7.56
N ARG A 199 -0.31 5.84 7.69
CA ARG A 199 0.54 6.98 7.31
C ARG A 199 1.76 7.05 8.25
N SER A 200 1.51 6.86 9.53
CA SER A 200 2.53 6.89 10.54
C SER A 200 3.53 5.75 10.33
N ILE A 201 3.01 4.53 10.16
CA ILE A 201 3.88 3.40 9.96
C ILE A 201 4.58 3.50 8.59
N GLY A 202 3.91 4.10 7.62
CA GLY A 202 4.52 4.24 6.31
C GLY A 202 5.74 5.11 6.41
N LEU A 203 5.67 6.14 7.24
CA LEU A 203 6.78 7.06 7.36
C LEU A 203 7.99 6.49 8.11
N LYS A 204 7.73 5.76 9.18
CA LYS A 204 8.78 5.13 9.96
C LYS A 204 9.52 4.11 9.09
N CYS A 205 8.79 3.32 8.33
CA CYS A 205 9.43 2.33 7.46
C CYS A 205 10.34 2.97 6.47
N LEU A 206 9.91 4.13 5.98
CA LEU A 206 10.70 4.86 5.02
C LEU A 206 12.01 5.29 5.63
N GLU A 207 11.98 5.74 6.88
CA GLU A 207 13.19 6.16 7.60
C GLU A 207 14.19 5.01 7.62
N HIS A 208 13.70 3.81 7.90
CA HIS A 208 14.56 2.62 7.95
C HIS A 208 15.25 2.40 6.61
N LEU A 209 14.48 2.43 5.53
CA LEU A 209 15.01 2.25 4.18
C LEU A 209 16.08 3.29 3.88
N PHE A 210 15.84 4.55 4.22
CA PHE A 210 16.84 5.56 3.98
C PHE A 210 18.11 5.30 4.77
N PHE A 211 17.98 4.78 5.99
CA PHE A 211 19.14 4.47 6.82
C PHE A 211 19.92 3.29 6.20
N PHE A 212 19.20 2.23 5.84
CA PHE A 212 19.83 1.06 5.24
C PHE A 212 20.66 1.46 4.01
N LYS A 213 20.11 2.34 3.18
CA LYS A 213 20.79 2.82 2.00
C LYS A 213 22.06 3.58 2.37
N LEU A 214 21.95 4.40 3.41
CA LEU A 214 23.09 5.18 3.86
C LEU A 214 24.21 4.26 4.33
N ILE A 215 23.90 3.39 5.28
CA ILE A 215 24.87 2.46 5.84
C ILE A 215 25.62 1.66 4.80
N GLY A 216 24.90 1.16 3.80
CA GLY A 216 25.56 0.39 2.77
C GLY A 216 25.11 -1.05 2.76
N ASP A 217 25.00 -1.67 3.92
CA ASP A 217 24.54 -3.05 3.99
C ASP A 217 23.09 -3.13 3.49
N THR A 218 22.58 -4.33 3.35
CA THR A 218 21.20 -4.51 2.89
C THR A 218 21.07 -4.13 1.42
N PRO A 219 21.13 -5.11 0.52
CA PRO A 219 21.01 -4.88 -0.92
C PRO A 219 19.65 -4.29 -1.32
N ILE A 220 19.68 -3.25 -2.13
CA ILE A 220 18.46 -2.61 -2.58
C ILE A 220 18.44 -2.62 -4.09
N ASP A 221 17.40 -3.21 -4.67
CA ASP A 221 17.26 -3.30 -6.11
C ASP A 221 16.96 -1.98 -6.80
N THR A 222 17.04 -1.99 -8.13
CA THR A 222 16.86 -0.79 -8.92
C THR A 222 15.57 -0.02 -8.76
N PHE A 223 14.43 -0.70 -8.78
CA PHE A 223 13.15 -0.02 -8.66
C PHE A 223 12.92 0.53 -7.25
N LEU A 224 13.33 -0.22 -6.25
CA LEU A 224 13.16 0.22 -4.87
C LEU A 224 14.07 1.42 -4.70
N MET A 225 15.27 1.31 -5.27
CA MET A 225 16.25 2.38 -5.20
C MET A 225 15.73 3.65 -5.85
N GLU A 226 15.07 3.52 -6.99
CA GLU A 226 14.54 4.68 -7.71
C GLU A 226 13.53 5.45 -6.86
N MET A 227 12.72 4.71 -6.10
CA MET A 227 11.71 5.33 -5.27
C MET A 227 12.28 6.18 -4.13
N LEU A 228 13.50 5.86 -3.69
CA LEU A 228 14.19 6.60 -2.64
C LEU A 228 14.97 7.79 -3.23
N GLU A 229 14.56 8.26 -4.40
CA GLU A 229 15.22 9.39 -5.06
C GLU A 229 14.69 10.72 -4.53
N ALA A 230 14.97 11.79 -5.27
CA ALA A 230 14.54 13.13 -4.88
C ALA A 230 13.47 13.60 -5.85
N PRO A 231 12.41 14.25 -5.33
CA PRO A 231 12.19 14.53 -3.90
C PRO A 231 12.11 13.25 -3.04
N LYS B 1 14.72 11.79 -14.38
CA LYS B 1 14.56 10.96 -13.20
C LYS B 1 13.29 10.10 -13.31
N HIS B 2 13.19 9.08 -12.45
CA HIS B 2 12.05 8.16 -12.43
C HIS B 2 11.98 7.42 -13.76
N LYS B 3 13.14 7.05 -14.27
CA LYS B 3 13.25 6.35 -15.55
C LYS B 3 12.36 5.09 -15.66
N ILE B 4 12.52 4.16 -14.72
CA ILE B 4 11.75 2.92 -14.70
C ILE B 4 10.25 3.13 -14.56
N LEU B 5 9.87 3.96 -13.59
CA LEU B 5 8.47 4.22 -13.33
C LEU B 5 7.74 4.71 -14.57
N HIS B 6 8.35 5.65 -15.31
CA HIS B 6 7.73 6.18 -16.53
C HIS B 6 7.52 5.10 -17.60
N ARG B 7 8.52 4.24 -17.78
CA ARG B 7 8.47 3.18 -18.77
C ARG B 7 7.34 2.20 -18.52
N LEU B 8 7.18 1.80 -17.26
CA LEU B 8 6.14 0.85 -16.86
C LEU B 8 4.75 1.48 -16.98
N LEU B 9 4.66 2.78 -16.85
CA LEU B 9 3.38 3.47 -16.93
C LEU B 9 2.92 3.68 -18.37
N GLN B 10 3.89 3.81 -19.27
CA GLN B 10 3.58 4.05 -20.68
C GLN B 10 3.20 2.78 -21.41
N ASP B 11 3.94 1.71 -21.16
CA ASP B 11 3.68 0.43 -21.81
C ASP B 11 2.20 0.03 -21.72
#